data_5ZS3
#
_entry.id   5ZS3
#
_cell.length_a   91.140
_cell.length_b   91.140
_cell.length_c   91.140
_cell.angle_alpha   90.00
_cell.angle_beta   90.00
_cell.angle_gamma   90.00
#
_symmetry.space_group_name_H-M   'I 2 3'
#
loop_
_entity.id
_entity.type
_entity.pdbx_description
1 polymer 'Molecular chaperone (Small heat shock protein)'
2 polymer GLY-ARG-LEU-LEU-PRO
3 non-polymer 'SODIUM ION'
4 non-polymer 'SULFATE ION'
5 non-polymer 'CHLORIDE ION'
6 water water
#
loop_
_entity_poly.entity_id
_entity_poly.type
_entity_poly.pdbx_seq_one_letter_code
_entity_poly.pdbx_strand_id
1 'polypeptide(L)'
;(MSE)L(MSE)RTDPFRDLDRFAQQVLGTSARPAV(MSE)P(MSE)DAWREGDKFVVEFDLPGIDADSLDIDIERNVVTV
RAERPAVDPNRE(MSE)LASERPRGVFSRQLVLGENLDTARIAASYTEGVLKLQIPVAEKAKPRKISITRGAGDKTISEN
GAHPEVIEA
;
A
2 'polypeptide(L)' GRLLP U
#
loop_
_chem_comp.id
_chem_comp.type
_chem_comp.name
_chem_comp.formula
CL non-polymer 'CHLORIDE ION' 'Cl -1'
NA non-polymer 'SODIUM ION' 'Na 1'
SO4 non-polymer 'SULFATE ION' 'O4 S -2'
#
# COMPACT_ATOMS: atom_id res chain seq x y z
N VAL A 18 19.98 -1.56 -4.81
CA VAL A 18 18.96 -1.51 -3.78
C VAL A 18 18.40 -2.94 -3.53
N LEU A 19 18.63 -3.49 -2.32
CA LEU A 19 18.09 -4.80 -1.92
C LEU A 19 17.29 -4.67 -0.63
N GLY A 20 15.96 -4.68 -0.69
CA GLY A 20 15.17 -4.49 0.53
C GLY A 20 15.10 -5.75 1.39
N THR A 21 15.15 -5.54 2.70
CA THR A 21 15.00 -6.62 3.68
C THR A 21 13.81 -6.34 4.57
N SER A 22 13.45 -7.33 5.38
CA SER A 22 12.37 -7.13 6.34
C SER A 22 12.67 -5.94 7.26
N ALA A 23 13.93 -5.82 7.72
CA ALA A 23 14.29 -4.77 8.66
C ALA A 23 14.52 -3.43 7.97
N ARG A 24 14.86 -3.43 6.68
CA ARG A 24 14.99 -2.19 5.89
C ARG A 24 14.33 -2.43 4.55
N PRO A 25 13.00 -2.43 4.51
CA PRO A 25 12.28 -2.72 3.26
C PRO A 25 12.54 -1.66 2.21
N ALA A 26 12.50 -2.10 0.95
CA ALA A 26 12.41 -1.16 -0.15
C ALA A 26 11.01 -0.56 -0.15
N VAL A 27 10.92 0.69 -0.53
CA VAL A 27 9.66 1.41 -0.50
C VAL A 27 9.14 1.55 -1.92
N MSE A 28 7.82 1.58 -2.05
CA MSE A 28 7.27 1.76 -3.38
C MSE A 28 6.38 2.98 -3.39
O MSE A 28 5.67 3.24 -2.40
CB MSE A 28 6.51 0.51 -3.86
CG MSE A 28 5.32 0.15 -3.04
SE MSE A 28 5.87 -0.74 -1.45
CE MSE A 28 4.12 -1.63 -1.24
N PRO A 29 6.40 3.71 -4.49
CA PRO A 29 5.66 4.97 -4.53
C PRO A 29 4.16 4.71 -4.58
N MSE A 30 3.42 5.69 -4.05
CA MSE A 30 2.01 5.56 -3.78
C MSE A 30 1.24 6.78 -4.28
O MSE A 30 1.69 7.91 -4.05
CB MSE A 30 1.85 5.45 -2.26
CG MSE A 30 0.47 5.69 -1.72
SE MSE A 30 0.40 5.27 0.15
CE MSE A 30 1.13 6.95 1.08
N ASP A 31 0.09 6.59 -4.93
CA ASP A 31 -0.90 7.64 -5.08
C ASP A 31 -2.11 7.26 -4.23
N ALA A 32 -2.72 8.23 -3.58
CA ALA A 32 -3.90 7.91 -2.77
C ALA A 32 -4.91 9.01 -2.95
N TRP A 33 -6.18 8.66 -3.08
CA TRP A 33 -7.16 9.72 -3.25
C TRP A 33 -8.53 9.20 -2.88
N ARG A 34 -9.43 10.12 -2.54
CA ARG A 34 -10.80 9.79 -2.25
C ARG A 34 -11.64 9.96 -3.51
N GLU A 35 -12.41 8.93 -3.84
CA GLU A 35 -13.27 8.91 -5.02
C GLU A 35 -14.68 8.70 -4.51
N GLY A 36 -15.34 9.79 -4.11
CA GLY A 36 -16.68 9.72 -3.57
C GLY A 36 -16.74 8.89 -2.30
N ASP A 37 -17.32 7.70 -2.39
CA ASP A 37 -17.53 6.84 -1.23
C ASP A 37 -16.43 5.79 -1.09
N LYS A 38 -15.35 5.89 -1.85
CA LYS A 38 -14.25 4.94 -1.77
C LYS A 38 -12.94 5.70 -1.63
N PHE A 39 -12.03 5.14 -0.86
CA PHE A 39 -10.66 5.62 -0.80
C PHE A 39 -9.79 4.67 -1.62
N VAL A 40 -8.98 5.23 -2.53
CA VAL A 40 -8.20 4.40 -3.43
C VAL A 40 -6.72 4.69 -3.21
N VAL A 41 -5.93 3.64 -3.18
CA VAL A 41 -4.47 3.73 -3.08
C VAL A 41 -3.90 2.87 -4.20
N GLU A 42 -2.91 3.41 -4.93
CA GLU A 42 -2.23 2.63 -5.97
C GLU A 42 -0.73 2.63 -5.73
N PHE A 43 -0.10 1.47 -5.89
CA PHE A 43 1.33 1.32 -5.69
C PHE A 43 1.96 0.88 -7.00
N ASP A 44 3.10 1.48 -7.36
CA ASP A 44 3.93 0.95 -8.44
C ASP A 44 4.71 -0.24 -7.89
N LEU A 45 4.36 -1.44 -8.34
CA LEU A 45 5.02 -2.67 -7.87
C LEU A 45 5.29 -3.57 -9.06
N PRO A 46 6.07 -3.11 -10.04
CA PRO A 46 6.23 -3.87 -11.28
C PRO A 46 6.96 -5.18 -11.03
N GLY A 47 6.58 -6.19 -11.80
CA GLY A 47 7.38 -7.41 -11.89
C GLY A 47 7.34 -8.26 -10.65
N ILE A 48 6.24 -8.22 -9.92
CA ILE A 48 6.03 -9.02 -8.71
C ILE A 48 5.21 -10.24 -9.09
N ASP A 49 5.64 -11.43 -8.63
CA ASP A 49 4.81 -12.63 -8.77
C ASP A 49 3.75 -12.62 -7.67
N ALA A 50 2.51 -12.92 -8.07
CA ALA A 50 1.39 -12.86 -7.14
C ALA A 50 1.59 -13.71 -5.90
N ASP A 51 2.43 -14.76 -5.99
CA ASP A 51 2.72 -15.57 -4.82
C ASP A 51 3.36 -14.73 -3.73
N SER A 52 4.05 -13.66 -4.11
CA SER A 52 4.74 -12.78 -3.18
C SER A 52 3.82 -11.79 -2.47
N LEU A 53 2.86 -11.21 -3.20
CA LEU A 53 2.06 -10.12 -2.65
C LEU A 53 1.28 -10.57 -1.44
N ASP A 54 1.37 -9.79 -0.37
CA ASP A 54 0.56 -10.04 0.82
C ASP A 54 0.03 -8.72 1.32
N ILE A 55 -1.27 -8.68 1.62
CA ILE A 55 -1.89 -7.50 2.18
C ILE A 55 -2.48 -7.90 3.53
N ASP A 56 -1.95 -7.32 4.59
CA ASP A 56 -2.41 -7.60 5.94
C ASP A 56 -3.19 -6.40 6.44
N ILE A 57 -4.38 -6.65 6.99
CA ILE A 57 -5.19 -5.60 7.60
C ILE A 57 -5.33 -5.93 9.08
N GLU A 58 -5.18 -4.91 9.92
CA GLU A 58 -5.21 -5.12 11.37
C GLU A 58 -5.79 -3.84 11.95
N ARG A 59 -7.09 -3.87 12.26
CA ARG A 59 -7.83 -2.71 12.74
C ARG A 59 -7.76 -1.72 11.58
N ASN A 60 -7.20 -0.52 11.77
N ASN A 60 -7.32 -0.47 11.79
CA ASN A 60 -7.18 0.57 10.81
CA ASN A 60 -7.25 0.41 10.63
C ASN A 60 -5.95 0.58 9.91
C ASN A 60 -5.80 0.72 10.29
N VAL A 61 -5.01 -0.33 10.10
CA VAL A 61 -3.70 -0.28 9.46
C VAL A 61 -3.68 -1.32 8.36
N VAL A 62 -3.32 -0.89 7.15
CA VAL A 62 -3.09 -1.81 6.04
C VAL A 62 -1.59 -1.85 5.78
N THR A 63 -1.04 -3.06 5.67
CA THR A 63 0.36 -3.29 5.39
C THR A 63 0.47 -4.04 4.08
N VAL A 64 1.27 -3.52 3.16
CA VAL A 64 1.47 -4.14 1.87
C VAL A 64 2.88 -4.69 1.86
N ARG A 65 3.02 -5.94 1.47
CA ARG A 65 4.33 -6.58 1.46
C ARG A 65 4.49 -7.30 0.13
N ALA A 66 5.63 -7.10 -0.52
CA ALA A 66 5.89 -7.80 -1.76
C ALA A 66 7.35 -8.21 -1.78
N GLU A 67 7.66 -9.20 -2.60
CA GLU A 67 9.04 -9.53 -2.80
C GLU A 67 9.35 -9.73 -4.26
N ARG A 68 10.49 -9.21 -4.66
CA ARG A 68 11.07 -9.47 -5.96
C ARG A 68 12.38 -10.19 -5.72
N PRO A 69 12.53 -11.40 -6.23
CA PRO A 69 13.72 -12.21 -5.91
C PRO A 69 15.01 -11.54 -6.38
N ALA A 70 16.08 -11.78 -5.63
CA ALA A 70 17.40 -11.33 -6.02
C ALA A 70 17.83 -12.06 -7.29
N VAL A 71 18.71 -11.42 -8.05
CA VAL A 71 19.22 -12.05 -9.26
C VAL A 71 20.13 -13.21 -8.87
N ASP A 72 20.01 -14.31 -9.61
CA ASP A 72 20.92 -15.45 -9.51
C ASP A 72 22.37 -14.96 -9.40
N PRO A 73 23.04 -15.23 -8.27
CA PRO A 73 24.43 -14.77 -8.10
C PRO A 73 25.36 -15.21 -9.21
N ASN A 74 25.03 -16.28 -9.94
CA ASN A 74 25.87 -16.76 -11.01
C ASN A 74 25.60 -16.05 -12.33
N ARG A 75 24.68 -15.10 -12.35
CA ARG A 75 24.33 -14.39 -13.57
C ARG A 75 25.09 -13.06 -13.58
N GLU A 76 25.88 -12.85 -14.64
CA GLU A 76 26.58 -11.57 -14.80
C GLU A 76 25.62 -10.57 -15.43
N MSE A 77 25.17 -9.60 -14.63
CA MSE A 77 24.31 -8.55 -15.16
C MSE A 77 25.21 -7.45 -15.75
O MSE A 77 26.21 -7.06 -15.16
CB MSE A 77 23.40 -7.97 -14.06
CG MSE A 77 22.56 -9.01 -13.30
SE MSE A 77 21.22 -9.68 -14.49
CE MSE A 77 20.02 -8.08 -14.42
N LEU A 78 24.85 -6.90 -16.90
CA LEU A 78 25.49 -5.67 -17.38
C LEU A 78 24.87 -4.41 -16.77
N ALA A 79 23.58 -4.42 -16.43
CA ALA A 79 22.98 -3.35 -15.66
C ALA A 79 22.02 -4.01 -14.69
N SER A 80 21.97 -3.53 -13.44
CA SER A 80 20.99 -4.16 -12.53
C SER A 80 20.45 -3.05 -11.60
N GLU A 81 19.72 -2.12 -12.19
CA GLU A 81 19.26 -0.95 -11.47
C GLU A 81 17.93 -1.18 -10.79
N ARG A 82 17.17 -2.19 -11.20
CA ARG A 82 15.83 -2.33 -10.69
C ARG A 82 15.87 -2.80 -9.23
N PRO A 83 15.07 -2.20 -8.36
CA PRO A 83 15.11 -2.58 -6.94
C PRO A 83 14.60 -3.99 -6.73
N ARG A 84 15.26 -4.72 -5.84
CA ARG A 84 14.92 -6.11 -5.56
C ARG A 84 14.83 -6.34 -4.06
N GLY A 85 14.27 -7.50 -3.69
CA GLY A 85 14.15 -7.92 -2.32
C GLY A 85 12.78 -7.64 -1.77
N VAL A 86 12.71 -7.22 -0.50
CA VAL A 86 11.44 -7.06 0.22
C VAL A 86 10.96 -5.63 0.06
N PHE A 87 9.72 -5.46 -0.38
CA PHE A 87 9.05 -4.17 -0.40
C PHE A 87 7.97 -4.17 0.67
N SER A 88 7.80 -3.05 1.36
CA SER A 88 6.79 -2.98 2.40
C SER A 88 6.37 -1.55 2.62
N ARG A 89 5.08 -1.33 2.81
CA ARG A 89 4.64 -0.01 3.21
C ARG A 89 3.41 -0.19 4.09
N GLN A 90 3.28 0.60 5.15
CA GLN A 90 2.13 0.52 6.04
C GLN A 90 1.32 1.80 5.95
N LEU A 91 0.01 1.66 5.81
CA LEU A 91 -0.89 2.81 5.78
C LEU A 91 -1.75 2.80 7.04
N VAL A 92 -1.77 3.93 7.72
CA VAL A 92 -2.66 4.13 8.86
C VAL A 92 -3.88 4.89 8.35
N LEU A 93 -5.00 4.18 8.31
CA LEU A 93 -6.26 4.69 7.77
C LEU A 93 -7.12 5.27 8.88
N GLY A 94 -7.99 6.20 8.49
CA GLY A 94 -8.86 6.84 9.46
C GLY A 94 -10.01 5.92 9.82
N GLU A 95 -10.75 6.33 10.85
CA GLU A 95 -11.77 5.45 11.41
C GLU A 95 -12.93 5.24 10.44
N ASN A 96 -13.18 6.19 9.55
CA ASN A 96 -14.29 6.07 8.60
C ASN A 96 -14.01 5.10 7.47
N LEU A 97 -12.84 4.46 7.43
CA LEU A 97 -12.51 3.55 6.35
C LEU A 97 -12.89 2.14 6.77
N ASP A 98 -13.79 1.51 6.01
CA ASP A 98 -14.26 0.15 6.26
C ASP A 98 -13.18 -0.82 5.78
N THR A 99 -12.11 -0.91 6.57
CA THR A 99 -10.96 -1.74 6.17
C THR A 99 -11.36 -3.18 5.94
N ALA A 100 -12.39 -3.66 6.63
CA ALA A 100 -12.81 -5.04 6.47
C ALA A 100 -13.26 -5.32 5.05
N ARG A 101 -13.77 -4.30 4.38
CA ARG A 101 -14.25 -4.46 3.01
C ARG A 101 -13.23 -4.00 1.96
N ILE A 102 -11.94 -4.19 2.23
CA ILE A 102 -10.93 -3.78 1.28
C ILE A 102 -10.99 -4.69 0.06
N ALA A 103 -10.81 -4.10 -1.12
CA ALA A 103 -10.69 -4.81 -2.39
C ALA A 103 -9.32 -4.51 -2.98
N ALA A 104 -8.63 -5.53 -3.47
CA ALA A 104 -7.28 -5.36 -3.96
C ALA A 104 -7.12 -5.99 -5.33
N SER A 105 -6.43 -5.30 -6.23
CA SER A 105 -6.18 -5.84 -7.54
C SER A 105 -4.78 -5.49 -7.98
N TYR A 106 -4.23 -6.31 -8.87
CA TYR A 106 -2.87 -6.15 -9.32
C TYR A 106 -2.86 -6.31 -10.83
N THR A 107 -2.58 -5.23 -11.54
CA THR A 107 -2.55 -5.31 -12.97
C THR A 107 -1.59 -4.27 -13.53
N GLU A 108 -0.91 -4.63 -14.61
CA GLU A 108 0.06 -3.73 -15.25
C GLU A 108 1.12 -3.27 -14.27
N GLY A 109 1.45 -4.12 -13.30
CA GLY A 109 2.45 -3.78 -12.31
C GLY A 109 2.01 -2.78 -11.27
N VAL A 110 0.70 -2.50 -11.18
CA VAL A 110 0.15 -1.57 -10.20
C VAL A 110 -0.74 -2.33 -9.23
N LEU A 111 -0.43 -2.24 -7.93
CA LEU A 111 -1.30 -2.77 -6.90
C LEU A 111 -2.28 -1.68 -6.47
N LYS A 112 -3.58 -1.92 -6.70
CA LYS A 112 -4.63 -0.97 -6.40
C LYS A 112 -5.48 -1.47 -5.23
N LEU A 113 -5.64 -0.62 -4.20
CA LEU A 113 -6.50 -0.93 -3.07
C LEU A 113 -7.70 -0.02 -3.08
N GLN A 114 -8.88 -0.56 -2.83
CA GLN A 114 -10.11 0.22 -2.76
C GLN A 114 -10.78 -0.05 -1.43
N ILE A 115 -10.89 0.97 -0.58
CA ILE A 115 -11.49 0.83 0.74
C ILE A 115 -12.75 1.68 0.79
N PRO A 116 -13.92 1.12 1.10
CA PRO A 116 -15.13 1.94 1.21
C PRO A 116 -15.02 2.90 2.38
N VAL A 117 -15.55 4.10 2.18
CA VAL A 117 -15.60 5.11 3.22
C VAL A 117 -16.95 5.01 3.88
N ALA A 118 -16.96 4.91 5.20
CA ALA A 118 -18.18 4.67 5.96
C ALA A 118 -18.26 5.78 7.00
N GLU A 119 -18.81 6.93 6.62
CA GLU A 119 -18.83 8.06 7.53
C GLU A 119 -19.71 7.75 8.74
N LYS A 120 -19.23 8.12 9.93
CA LYS A 120 -20.03 8.06 11.13
C LYS A 120 -21.15 9.09 11.08
N ALA A 121 -22.21 8.84 11.85
CA ALA A 121 -23.32 9.78 11.95
C ALA A 121 -22.94 10.97 12.82
N LYS A 122 -23.53 12.12 12.49
CA LYS A 122 -23.41 13.35 13.26
C LYS A 122 -21.97 13.71 13.62
N PRO A 123 -21.10 13.87 12.60
CA PRO A 123 -19.68 14.07 12.89
C PRO A 123 -19.41 15.39 13.58
N ARG A 124 -18.35 15.39 14.38
CA ARG A 124 -17.95 16.62 15.07
C ARG A 124 -17.45 17.64 14.07
N LYS A 125 -17.85 18.88 14.27
CA LYS A 125 -17.31 20.02 13.52
C LYS A 125 -16.78 21.01 14.53
N ILE A 126 -15.46 21.16 14.57
CA ILE A 126 -14.81 21.99 15.56
C ILE A 126 -14.87 23.44 15.10
N SER A 127 -15.43 24.31 15.93
CA SER A 127 -15.40 25.74 15.64
C SER A 127 -14.21 26.40 16.33
N ILE A 128 -13.64 27.41 15.68
CA ILE A 128 -12.47 28.12 16.16
C ILE A 128 -12.87 29.50 16.63
N THR A 129 -12.50 29.83 17.86
CA THR A 129 -12.72 31.15 18.45
C THR A 129 -11.69 32.17 17.99
N ARG A 130 -12.15 33.40 17.73
CA ARG A 130 -11.26 34.46 17.29
C ARG A 130 -11.30 35.65 18.25
N GLY B 1 -12.10 9.67 3.50
CA GLY B 1 -10.90 9.03 3.03
C GLY B 1 -9.64 9.46 3.76
N ARG B 2 -9.57 9.21 5.06
CA ARG B 2 -8.47 9.72 5.87
C ARG B 2 -7.27 8.75 5.79
N LEU B 3 -6.07 9.30 5.73
CA LEU B 3 -4.83 8.52 5.76
C LEU B 3 -3.77 9.30 6.54
N LEU B 4 -2.96 8.60 7.34
CA LEU B 4 -1.86 9.24 8.08
C LEU B 4 -0.60 9.33 7.22
N PRO B 5 -0.08 10.53 6.89
CA PRO B 5 1.25 10.63 6.28
C PRO B 5 2.38 10.09 7.16
NA NA C . 25.47 -10.19 -19.03
S SO4 D . -3.08 4.51 15.98
O1 SO4 D . -2.65 3.64 14.89
O2 SO4 D . -3.38 5.83 15.45
O3 SO4 D . -4.27 3.95 16.60
O4 SO4 D . -2.01 4.61 16.97
CL CL E . 13.50 1.66 -1.99
CL CL F . 13.04 -10.65 -12.75
CL CL G . -0.22 -7.06 -16.61
CL CL H . 22.41 -18.22 -19.29
NA NA I . -0.22 5.98 6.88
#